data_1O9E
#
_entry.id   1O9E
#
_cell.length_a   108.200
_cell.length_b   108.200
_cell.length_c   135.300
_cell.angle_alpha   90.00
_cell.angle_beta   90.00
_cell.angle_gamma   120.00
#
_symmetry.space_group_name_H-M   'P 65 2 2'
#
loop_
_entity.id
_entity.type
_entity.pdbx_description
1 polymer '14-3-3-LIKE PROTEIN C'
2 non-polymer 'CITRATE ANION'
3 non-polymer FUSICOCCIN
4 water water
#
_entity_poly.entity_id   1
_entity_poly.type   'polypeptide(L)'
_entity_poly.pdbx_seq_one_letter_code
;MAVAPTAREENVYMAKLAEQAERYEEMVEFMEKVSNSLGSEELTVEERNLLSVAYKNVIGARRASWRIISSIEQKEESRG
NEEHVNSIREYRSKIENELSKICDGILKLLDAKLIPSAASGDSKVFYLKMKGDYHRYLAEFKTGAERKEAAESTLTAYKA
AQDIATTELAPTHPIRLGLALNFSVFYYEILNSPDRACNLAKQAFDEAIAELDTLGEESYKDSTLIMQLLRDNLTLWTSD
MQDDGADEIKEDPKPDEAKN
;
_entity_poly.pdbx_strand_id   A
#
# COMPACT_ATOMS: atom_id res chain seq x y z
N PRO A 5 23.20 11.97 -21.07
CA PRO A 5 22.31 11.34 -20.06
C PRO A 5 22.44 12.09 -18.74
N THR A 6 21.33 12.23 -18.04
CA THR A 6 21.32 12.93 -16.75
C THR A 6 21.30 11.92 -15.59
N ALA A 7 21.68 12.36 -14.40
CA ALA A 7 21.70 11.47 -13.24
C ALA A 7 20.30 10.88 -13.00
N ARG A 8 19.28 11.74 -13.08
CA ARG A 8 17.90 11.32 -12.90
C ARG A 8 17.56 10.28 -13.97
N GLU A 9 17.94 10.58 -15.21
CA GLU A 9 17.70 9.68 -16.32
C GLU A 9 18.34 8.33 -16.04
N GLU A 10 19.59 8.35 -15.61
CA GLU A 10 20.33 7.14 -15.29
C GLU A 10 19.63 6.25 -14.28
N ASN A 11 19.34 6.83 -13.11
CA ASN A 11 18.69 6.09 -12.04
C ASN A 11 17.35 5.47 -12.46
N VAL A 12 16.58 6.20 -13.28
CA VAL A 12 15.29 5.70 -13.72
C VAL A 12 15.51 4.47 -14.59
N TYR A 13 16.49 4.55 -15.48
CA TYR A 13 16.78 3.42 -16.35
C TYR A 13 17.25 2.26 -15.48
N MET A 14 18.15 2.56 -14.56
CA MET A 14 18.69 1.57 -13.66
C MET A 14 17.53 0.90 -12.91
N ALA A 15 16.59 1.72 -12.43
CA ALA A 15 15.42 1.23 -11.72
C ALA A 15 14.65 0.23 -12.57
N LYS A 16 14.46 0.58 -13.84
CA LYS A 16 13.73 -0.29 -14.75
C LYS A 16 14.52 -1.57 -15.02
N LEU A 17 15.84 -1.48 -14.91
CA LEU A 17 16.66 -2.66 -15.10
C LEU A 17 16.47 -3.53 -13.86
N ALA A 18 16.52 -2.89 -12.70
CA ALA A 18 16.33 -3.59 -11.44
C ALA A 18 15.01 -4.33 -11.47
N GLU A 19 13.97 -3.66 -11.97
CA GLU A 19 12.66 -4.27 -12.07
C GLU A 19 12.71 -5.51 -12.95
N GLN A 20 13.28 -5.37 -14.14
CA GLN A 20 13.39 -6.53 -15.03
C GLN A 20 14.17 -7.65 -14.34
N ALA A 21 15.22 -7.30 -13.61
CA ALA A 21 16.03 -8.27 -12.91
C ALA A 21 15.37 -8.76 -11.63
N GLU A 22 14.34 -8.05 -11.18
CA GLU A 22 13.61 -8.40 -9.96
C GLU A 22 14.39 -8.24 -8.66
N ARG A 23 15.25 -7.23 -8.63
CA ARG A 23 16.05 -6.92 -7.45
C ARG A 23 15.37 -5.64 -7.00
N TYR A 24 14.21 -5.80 -6.38
CA TYR A 24 13.43 -4.66 -5.96
C TYR A 24 14.07 -3.72 -4.96
N GLU A 25 14.88 -4.26 -4.05
CA GLU A 25 15.54 -3.40 -3.09
C GLU A 25 16.38 -2.37 -3.83
N GLU A 26 17.08 -2.81 -4.86
CA GLU A 26 17.90 -1.91 -5.65
C GLU A 26 17.04 -0.97 -6.48
N MET A 27 15.85 -1.42 -6.85
CA MET A 27 14.93 -0.59 -7.62
C MET A 27 14.49 0.54 -6.68
N VAL A 28 14.13 0.17 -5.45
CA VAL A 28 13.73 1.17 -4.48
C VAL A 28 14.83 2.22 -4.37
N GLU A 29 16.05 1.77 -4.09
CA GLU A 29 17.19 2.68 -3.95
C GLU A 29 17.32 3.67 -5.12
N PHE A 30 17.27 3.16 -6.35
CA PHE A 30 17.37 4.02 -7.52
C PHE A 30 16.26 5.06 -7.57
N MET A 31 15.02 4.64 -7.32
CA MET A 31 13.91 5.57 -7.34
C MET A 31 13.98 6.54 -6.18
N GLU A 32 14.65 6.14 -5.12
CA GLU A 32 14.79 6.98 -3.94
C GLU A 32 15.79 8.10 -4.25
N LYS A 33 16.80 7.80 -5.06
CA LYS A 33 17.79 8.79 -5.46
C LYS A 33 17.06 9.83 -6.28
N VAL A 34 16.36 9.34 -7.32
CA VAL A 34 15.59 10.19 -8.22
C VAL A 34 14.67 11.10 -7.42
N SER A 35 14.00 10.53 -6.44
CA SER A 35 13.08 11.31 -5.62
C SER A 35 13.82 12.43 -4.90
N ASN A 36 14.86 12.07 -4.15
CA ASN A 36 15.64 13.06 -3.42
C ASN A 36 16.40 13.96 -4.40
N SER A 37 16.46 13.53 -5.66
CA SER A 37 17.15 14.26 -6.72
C SER A 37 16.57 15.64 -6.95
N LEU A 38 15.34 15.69 -7.46
CA LEU A 38 14.70 16.98 -7.72
C LEU A 38 14.12 17.55 -6.43
N GLY A 39 13.68 18.80 -6.48
CA GLY A 39 13.11 19.43 -5.31
C GLY A 39 11.79 20.10 -5.61
N SER A 40 11.83 21.15 -6.44
CA SER A 40 10.62 21.88 -6.81
C SER A 40 9.58 21.02 -7.53
N GLU A 41 10.00 20.37 -8.61
CA GLU A 41 9.09 19.53 -9.38
C GLU A 41 8.86 18.17 -8.70
N GLU A 42 7.87 17.42 -9.19
CA GLU A 42 7.56 16.11 -8.64
C GLU A 42 7.85 15.01 -9.64
N LEU A 43 7.89 13.77 -9.16
CA LEU A 43 8.14 12.62 -10.02
C LEU A 43 7.12 12.53 -11.14
N THR A 44 7.54 12.01 -12.30
CA THR A 44 6.62 11.84 -13.41
C THR A 44 5.71 10.68 -13.03
N VAL A 45 4.69 10.43 -13.84
CA VAL A 45 3.78 9.33 -13.54
C VAL A 45 4.55 8.02 -13.55
N GLU A 46 5.39 7.83 -14.56
CA GLU A 46 6.19 6.63 -14.67
C GLU A 46 7.07 6.49 -13.43
N GLU A 47 7.78 7.54 -13.08
CA GLU A 47 8.67 7.49 -11.93
C GLU A 47 7.91 7.20 -10.65
N ARG A 48 6.83 7.93 -10.43
CA ARG A 48 6.02 7.74 -9.24
C ARG A 48 5.55 6.29 -9.16
N ASN A 49 5.18 5.71 -10.30
CA ASN A 49 4.73 4.34 -10.32
C ASN A 49 5.89 3.36 -10.08
N LEU A 50 7.06 3.65 -10.62
CA LEU A 50 8.22 2.78 -10.40
C LEU A 50 8.57 2.76 -8.91
N LEU A 51 8.53 3.91 -8.28
CA LEU A 51 8.84 4.00 -6.85
C LEU A 51 7.89 3.16 -6.00
N SER A 52 6.60 3.21 -6.32
CA SER A 52 5.65 2.45 -5.53
C SER A 52 5.67 0.96 -5.86
N VAL A 53 5.91 0.63 -7.12
CA VAL A 53 5.98 -0.78 -7.49
C VAL A 53 7.20 -1.38 -6.80
N ALA A 54 8.27 -0.60 -6.75
CA ALA A 54 9.50 -1.04 -6.10
C ALA A 54 9.16 -1.39 -4.64
N TYR A 55 8.71 -0.41 -3.89
CA TYR A 55 8.36 -0.64 -2.51
C TYR A 55 7.35 -1.75 -2.35
N LYS A 56 6.32 -1.73 -3.18
CA LYS A 56 5.28 -2.74 -3.11
C LYS A 56 5.88 -4.15 -3.15
N ASN A 57 6.88 -4.34 -4.01
CA ASN A 57 7.52 -5.62 -4.14
C ASN A 57 8.45 -5.93 -3.00
N VAL A 58 9.07 -4.90 -2.45
CA VAL A 58 9.97 -5.11 -1.33
C VAL A 58 9.13 -5.47 -0.09
N ILE A 59 8.09 -4.67 0.19
CA ILE A 59 7.24 -4.93 1.33
C ILE A 59 6.45 -6.23 1.12
N GLY A 60 5.95 -6.43 -0.09
CA GLY A 60 5.18 -7.62 -0.40
C GLY A 60 5.85 -8.93 -0.01
N ALA A 61 7.13 -9.06 -0.34
CA ALA A 61 7.88 -10.26 -0.03
C ALA A 61 7.87 -10.55 1.47
N ARG A 62 8.08 -9.51 2.29
CA ARG A 62 8.10 -9.71 3.73
C ARG A 62 6.71 -10.00 4.23
N ARG A 63 5.72 -9.39 3.59
CA ARG A 63 4.34 -9.59 4.01
C ARG A 63 3.93 -11.04 3.77
N ALA A 64 4.35 -11.60 2.63
CA ALA A 64 4.04 -12.98 2.30
C ALA A 64 4.77 -13.92 3.25
N SER A 65 6.03 -13.60 3.53
CA SER A 65 6.82 -14.41 4.45
C SER A 65 6.12 -14.34 5.80
N TRP A 66 5.80 -13.13 6.24
CA TRP A 66 5.15 -12.95 7.52
C TRP A 66 3.92 -13.84 7.63
N ARG A 67 3.06 -13.82 6.61
CA ARG A 67 1.84 -14.62 6.63
C ARG A 67 2.12 -16.11 6.75
N ILE A 68 3.07 -16.59 5.95
CA ILE A 68 3.48 -17.98 5.96
C ILE A 68 3.93 -18.38 7.36
N ILE A 69 4.90 -17.64 7.86
CA ILE A 69 5.45 -17.91 9.18
C ILE A 69 4.35 -17.77 10.23
N SER A 70 3.49 -16.79 10.04
CA SER A 70 2.43 -16.57 10.99
C SER A 70 1.46 -17.74 11.08
N SER A 71 1.00 -18.27 9.96
CA SER A 71 0.09 -19.40 10.01
C SER A 71 0.79 -20.63 10.57
N ILE A 72 2.09 -20.74 10.34
CA ILE A 72 2.83 -21.88 10.87
C ILE A 72 2.84 -21.75 12.38
N GLU A 73 3.12 -20.54 12.87
CA GLU A 73 3.14 -20.28 14.31
C GLU A 73 1.79 -20.64 14.92
N GLN A 74 0.71 -20.25 14.25
CA GLN A 74 -0.64 -20.55 14.71
C GLN A 74 -0.84 -22.05 14.92
N LYS A 75 -0.48 -22.83 13.90
CA LYS A 75 -0.63 -24.29 13.96
C LYS A 75 0.20 -24.93 15.07
N GLU A 76 1.48 -24.57 15.17
CA GLU A 76 2.32 -25.15 16.20
C GLU A 76 1.86 -24.67 17.58
N GLU A 77 1.34 -23.45 17.62
CA GLU A 77 0.86 -22.88 18.87
C GLU A 77 -0.34 -23.70 19.38
N SER A 78 -1.19 -24.14 18.46
CA SER A 78 -2.38 -24.91 18.82
C SER A 78 -2.08 -26.39 19.06
N ARG A 79 -0.88 -26.84 18.70
CA ARG A 79 -0.50 -28.23 18.95
C ARG A 79 0.27 -28.26 20.25
N GLY A 80 0.36 -27.10 20.90
CA GLY A 80 1.06 -27.00 22.15
C GLY A 80 2.57 -27.06 22.01
N ASN A 81 3.05 -27.33 20.81
CA ASN A 81 4.50 -27.40 20.61
C ASN A 81 5.13 -26.05 20.91
N GLU A 82 5.45 -25.83 22.18
CA GLU A 82 6.03 -24.56 22.60
C GLU A 82 7.45 -24.26 22.19
N GLU A 83 8.22 -25.27 21.78
CA GLU A 83 9.59 -24.99 21.35
C GLU A 83 9.55 -24.52 19.91
N HIS A 84 8.63 -25.07 19.14
CA HIS A 84 8.51 -24.66 17.76
C HIS A 84 7.99 -23.24 17.67
N VAL A 85 7.01 -22.90 18.51
CA VAL A 85 6.47 -21.55 18.47
C VAL A 85 7.54 -20.53 18.83
N ASN A 86 8.41 -20.86 19.77
CA ASN A 86 9.44 -19.90 20.15
C ASN A 86 10.39 -19.59 19.01
N SER A 87 10.68 -20.60 18.19
CA SER A 87 11.57 -20.41 17.06
C SER A 87 10.86 -19.68 15.93
N ILE A 88 9.57 -19.98 15.76
CA ILE A 88 8.79 -19.35 14.73
C ILE A 88 8.66 -17.86 15.01
N ARG A 89 8.31 -17.51 16.24
CA ARG A 89 8.15 -16.10 16.61
C ARG A 89 9.46 -15.34 16.59
N GLU A 90 10.56 -16.05 16.84
CA GLU A 90 11.85 -15.40 16.82
C GLU A 90 12.13 -15.06 15.36
N TYR A 91 11.71 -15.96 14.46
CA TYR A 91 11.92 -15.75 13.04
C TYR A 91 10.99 -14.65 12.56
N ARG A 92 9.76 -14.71 13.05
CA ARG A 92 8.74 -13.73 12.73
C ARG A 92 9.25 -12.33 13.10
N SER A 93 9.82 -12.18 14.29
CA SER A 93 10.33 -10.88 14.73
C SER A 93 11.30 -10.34 13.70
N LYS A 94 12.17 -11.21 13.22
CA LYS A 94 13.15 -10.78 12.24
C LYS A 94 12.41 -10.20 11.04
N ILE A 95 11.35 -10.87 10.62
CA ILE A 95 10.57 -10.39 9.47
C ILE A 95 9.83 -9.11 9.78
N GLU A 96 9.29 -9.01 10.99
CA GLU A 96 8.57 -7.82 11.39
C GLU A 96 9.52 -6.64 11.49
N ASN A 97 10.80 -6.95 11.64
CA ASN A 97 11.82 -5.93 11.73
C ASN A 97 12.05 -5.30 10.39
N GLU A 98 12.15 -6.13 9.35
CA GLU A 98 12.36 -5.61 8.01
C GLU A 98 11.11 -4.86 7.57
N LEU A 99 9.94 -5.38 7.94
CA LEU A 99 8.69 -4.72 7.57
C LEU A 99 8.73 -3.30 8.11
N SER A 100 9.13 -3.16 9.36
CA SER A 100 9.21 -1.85 10.01
C SER A 100 10.21 -0.92 9.32
N LYS A 101 11.38 -1.41 8.96
CA LYS A 101 12.35 -0.55 8.30
C LYS A 101 11.84 -0.12 6.96
N ILE A 102 11.25 -1.06 6.23
CA ILE A 102 10.72 -0.78 4.90
C ILE A 102 9.66 0.30 4.99
N CYS A 103 8.68 0.12 5.87
CA CYS A 103 7.62 1.11 6.02
C CYS A 103 8.17 2.47 6.43
N ASP A 104 9.15 2.46 7.33
CA ASP A 104 9.75 3.69 7.80
C ASP A 104 10.43 4.44 6.66
N GLY A 105 11.25 3.74 5.89
CA GLY A 105 11.94 4.38 4.79
C GLY A 105 11.01 5.09 3.83
N ILE A 106 9.96 4.40 3.37
CA ILE A 106 9.03 5.01 2.43
C ILE A 106 8.16 6.08 3.09
N LEU A 107 7.80 5.87 4.36
CA LEU A 107 6.96 6.84 5.07
C LEU A 107 7.71 8.15 5.29
N LYS A 108 9.02 8.06 5.49
CA LYS A 108 9.83 9.26 5.68
C LYS A 108 9.90 9.97 4.35
N LEU A 109 10.16 9.20 3.31
CA LEU A 109 10.25 9.76 1.97
C LEU A 109 8.96 10.47 1.60
N LEU A 110 7.83 9.92 2.02
CA LEU A 110 6.53 10.50 1.73
C LEU A 110 6.36 11.89 2.36
N ASP A 111 6.72 12.02 3.64
CA ASP A 111 6.57 13.29 4.34
C ASP A 111 7.61 14.32 3.96
N ALA A 112 8.82 13.87 3.65
CA ALA A 112 9.91 14.78 3.32
C ALA A 112 9.92 15.31 1.91
N LYS A 113 9.68 14.45 0.93
CA LYS A 113 9.71 14.88 -0.45
C LYS A 113 8.40 14.67 -1.19
N LEU A 114 8.01 13.41 -1.32
CA LEU A 114 6.80 13.05 -2.05
C LEU A 114 5.55 13.89 -1.82
N ILE A 115 4.97 13.83 -0.64
CA ILE A 115 3.76 14.61 -0.40
C ILE A 115 3.91 16.12 -0.57
N PRO A 116 5.01 16.71 -0.04
CA PRO A 116 5.16 18.15 -0.19
C PRO A 116 5.25 18.63 -1.65
N SER A 117 5.47 17.71 -2.58
CA SER A 117 5.60 18.10 -4.00
C SER A 117 4.38 17.79 -4.86
N ALA A 118 3.37 17.14 -4.27
CA ALA A 118 2.17 16.79 -5.01
C ALA A 118 1.52 18.06 -5.56
N ALA A 119 1.53 18.24 -6.88
CA ALA A 119 0.95 19.45 -7.45
C ALA A 119 -0.41 19.22 -8.11
N SER A 120 -1.03 18.08 -7.84
CA SER A 120 -2.32 17.78 -8.43
C SER A 120 -3.10 16.75 -7.64
N GLY A 121 -4.37 16.58 -8.01
CA GLY A 121 -5.21 15.61 -7.32
C GLY A 121 -4.66 14.22 -7.54
N ASP A 122 -4.14 13.97 -8.73
CA ASP A 122 -3.59 12.66 -9.04
C ASP A 122 -2.51 12.24 -8.06
N SER A 123 -1.47 13.07 -7.92
CA SER A 123 -0.38 12.72 -7.03
C SER A 123 -0.69 12.87 -5.55
N LYS A 124 -1.52 13.84 -5.18
CA LYS A 124 -1.83 14.00 -3.78
C LYS A 124 -2.55 12.74 -3.30
N VAL A 125 -3.47 12.24 -4.08
CA VAL A 125 -4.19 11.05 -3.67
C VAL A 125 -3.28 9.82 -3.71
N PHE A 126 -2.39 9.79 -4.68
CA PHE A 126 -1.47 8.69 -4.83
C PHE A 126 -0.56 8.62 -3.62
N TYR A 127 0.01 9.75 -3.24
CA TYR A 127 0.90 9.77 -2.10
C TYR A 127 0.19 9.61 -0.76
N LEU A 128 -0.98 10.23 -0.60
CA LEU A 128 -1.67 10.06 0.68
C LEU A 128 -2.11 8.62 0.83
N LYS A 129 -2.42 7.98 -0.29
CA LYS A 129 -2.83 6.59 -0.25
C LYS A 129 -1.65 5.74 0.21
N MET A 130 -0.49 5.98 -0.38
CA MET A 130 0.71 5.25 0.00
C MET A 130 0.92 5.35 1.50
N LYS A 131 0.83 6.58 2.01
CA LYS A 131 1.02 6.82 3.43
C LYS A 131 0.12 5.90 4.21
N GLY A 132 -1.13 5.78 3.76
CA GLY A 132 -2.06 4.92 4.45
C GLY A 132 -1.71 3.45 4.32
N ASP A 133 -1.30 3.07 3.12
CA ASP A 133 -0.92 1.69 2.87
C ASP A 133 0.18 1.21 3.79
N TYR A 134 1.24 2.01 3.94
CA TYR A 134 2.34 1.58 4.77
C TYR A 134 2.12 1.61 6.27
N HIS A 135 1.17 2.40 6.73
CA HIS A 135 0.86 2.40 8.14
C HIS A 135 -0.05 1.19 8.31
N ARG A 136 -0.74 0.82 7.24
CA ARG A 136 -1.63 -0.33 7.30
C ARG A 136 -0.82 -1.60 7.44
N TYR A 137 0.29 -1.69 6.70
CA TYR A 137 1.13 -2.86 6.78
C TYR A 137 1.71 -3.00 8.18
N LEU A 138 1.94 -1.88 8.84
CA LEU A 138 2.48 -1.89 10.19
C LEU A 138 1.40 -2.42 11.10
N ALA A 139 0.18 -1.92 10.92
CA ALA A 139 -0.94 -2.35 11.73
C ALA A 139 -1.24 -3.84 11.61
N GLU A 140 -0.85 -4.45 10.50
CA GLU A 140 -1.14 -5.88 10.28
C GLU A 140 -0.50 -6.78 11.31
N PHE A 141 0.69 -6.43 11.79
CA PHE A 141 1.38 -7.28 12.75
C PHE A 141 1.55 -6.73 14.15
N LYS A 142 1.07 -5.53 14.40
CA LYS A 142 1.19 -4.93 15.72
C LYS A 142 -0.05 -5.21 16.56
N THR A 143 0.08 -5.08 17.89
CA THR A 143 -1.04 -5.37 18.78
C THR A 143 -1.40 -4.36 19.85
N GLY A 144 -0.45 -4.03 20.71
CA GLY A 144 -0.74 -3.12 21.80
C GLY A 144 -1.30 -1.77 21.42
N ALA A 145 -0.57 -0.74 21.82
CA ALA A 145 -0.96 0.62 21.51
C ALA A 145 -0.29 0.91 20.18
N GLU A 146 0.63 0.03 19.79
CA GLU A 146 1.35 0.20 18.53
C GLU A 146 0.35 0.06 17.39
N ARG A 147 -0.53 -0.92 17.51
CA ARG A 147 -1.56 -1.18 16.50
C ARG A 147 -2.49 0.01 16.41
N LYS A 148 -2.98 0.44 17.57
CA LYS A 148 -3.87 1.58 17.62
C LYS A 148 -3.24 2.73 16.86
N GLU A 149 -2.03 3.09 17.25
CA GLU A 149 -1.32 4.19 16.61
C GLU A 149 -1.24 4.02 15.09
N ALA A 150 -0.85 2.84 14.63
CA ALA A 150 -0.74 2.60 13.19
C ALA A 150 -2.11 2.67 12.55
N ALA A 151 -3.10 2.04 13.19
CA ALA A 151 -4.45 2.05 12.66
C ALA A 151 -4.96 3.48 12.53
N GLU A 152 -4.62 4.31 13.51
CA GLU A 152 -5.05 5.70 13.49
C GLU A 152 -4.40 6.48 12.35
N SER A 153 -3.10 6.29 12.17
CA SER A 153 -2.38 6.99 11.10
C SER A 153 -2.92 6.55 9.75
N THR A 154 -3.28 5.27 9.65
CA THR A 154 -3.83 4.72 8.42
C THR A 154 -5.13 5.42 8.10
N LEU A 155 -6.06 5.41 9.05
CA LEU A 155 -7.36 6.04 8.87
C LEU A 155 -7.23 7.51 8.48
N THR A 156 -6.38 8.23 9.20
CA THR A 156 -6.15 9.64 8.92
C THR A 156 -5.71 9.83 7.48
N ALA A 157 -4.71 9.05 7.08
CA ALA A 157 -4.17 9.11 5.72
C ALA A 157 -5.22 8.79 4.65
N TYR A 158 -5.94 7.67 4.80
CA TYR A 158 -6.94 7.30 3.83
C TYR A 158 -8.07 8.32 3.71
N LYS A 159 -8.55 8.84 4.83
CA LYS A 159 -9.61 9.85 4.80
C LYS A 159 -9.15 11.07 4.01
N ALA A 160 -7.93 11.52 4.30
CA ALA A 160 -7.34 12.66 3.63
C ALA A 160 -7.23 12.42 2.13
N ALA A 161 -6.89 11.19 1.77
CA ALA A 161 -6.76 10.83 0.36
C ALA A 161 -8.15 10.78 -0.29
N GLN A 162 -9.11 10.25 0.44
CA GLN A 162 -10.46 10.13 -0.08
C GLN A 162 -11.14 11.47 -0.33
N ASP A 163 -10.94 12.42 0.56
CA ASP A 163 -11.55 13.74 0.41
C ASP A 163 -11.17 14.33 -0.93
N ILE A 164 -9.88 14.25 -1.24
CA ILE A 164 -9.36 14.75 -2.49
C ILE A 164 -9.82 13.92 -3.67
N ALA A 165 -9.66 12.60 -3.55
CA ALA A 165 -10.04 11.70 -4.61
C ALA A 165 -11.51 11.85 -4.96
N THR A 166 -12.34 11.94 -3.91
CA THR A 166 -13.77 12.05 -4.08
C THR A 166 -14.23 13.31 -4.80
N THR A 167 -13.47 14.39 -4.65
CA THR A 167 -13.82 15.66 -5.29
C THR A 167 -13.01 16.04 -6.52
N GLU A 168 -11.85 15.42 -6.71
CA GLU A 168 -11.00 15.78 -7.85
C GLU A 168 -10.74 14.72 -8.91
N LEU A 169 -10.98 13.45 -8.59
CA LEU A 169 -10.73 12.40 -9.56
C LEU A 169 -12.03 11.69 -9.93
N ALA A 170 -12.08 11.15 -11.14
CA ALA A 170 -13.27 10.44 -11.59
C ALA A 170 -13.42 9.11 -10.82
N PRO A 171 -14.67 8.67 -10.60
CA PRO A 171 -14.93 7.41 -9.90
C PRO A 171 -14.20 6.25 -10.57
N THR A 172 -13.96 6.40 -11.86
CA THR A 172 -13.30 5.38 -12.66
C THR A 172 -11.77 5.48 -12.59
N HIS A 173 -11.27 6.49 -11.89
CA HIS A 173 -9.83 6.65 -11.78
C HIS A 173 -9.23 5.47 -11.02
N PRO A 174 -8.16 4.87 -11.56
CA PRO A 174 -7.54 3.73 -10.87
C PRO A 174 -7.00 4.08 -9.48
N ILE A 175 -6.43 5.27 -9.34
CA ILE A 175 -5.90 5.67 -8.04
C ILE A 175 -7.03 5.80 -7.04
N ARG A 176 -8.14 6.41 -7.46
CA ARG A 176 -9.27 6.55 -6.56
C ARG A 176 -9.91 5.19 -6.31
N LEU A 177 -9.91 4.36 -7.33
CA LEU A 177 -10.48 3.03 -7.23
C LEU A 177 -9.61 2.18 -6.29
N GLY A 178 -8.29 2.31 -6.40
CA GLY A 178 -7.40 1.55 -5.55
C GLY A 178 -7.46 2.05 -4.12
N LEU A 179 -7.73 3.33 -3.96
CA LEU A 179 -7.83 3.93 -2.63
C LEU A 179 -9.03 3.31 -1.95
N ALA A 180 -10.09 3.06 -2.73
CA ALA A 180 -11.29 2.44 -2.17
C ALA A 180 -11.02 0.99 -1.81
N LEU A 181 -10.34 0.27 -2.71
CA LEU A 181 -10.00 -1.11 -2.46
C LEU A 181 -9.23 -1.22 -1.12
N ASN A 182 -8.12 -0.50 -1.03
CA ASN A 182 -7.31 -0.54 0.17
C ASN A 182 -7.99 0.00 1.42
N PHE A 183 -8.76 1.07 1.27
CA PHE A 183 -9.44 1.66 2.40
C PHE A 183 -10.43 0.67 2.98
N SER A 184 -11.14 -0.05 2.11
CA SER A 184 -12.13 -1.03 2.57
C SER A 184 -11.47 -2.31 3.07
N VAL A 185 -10.29 -2.62 2.56
CA VAL A 185 -9.60 -3.80 3.03
C VAL A 185 -9.14 -3.45 4.45
N PHE A 186 -8.83 -2.17 4.66
CA PHE A 186 -8.40 -1.69 5.97
C PHE A 186 -9.51 -1.89 7.00
N TYR A 187 -10.73 -1.54 6.62
CA TYR A 187 -11.85 -1.70 7.53
C TYR A 187 -12.13 -3.15 7.84
N TYR A 188 -12.00 -4.00 6.83
CA TYR A 188 -12.27 -5.42 7.00
C TYR A 188 -11.20 -6.18 7.76
N GLU A 189 -9.93 -5.94 7.41
CA GLU A 189 -8.82 -6.65 8.02
C GLU A 189 -8.20 -6.05 9.27
N ILE A 190 -8.14 -4.73 9.39
CA ILE A 190 -7.55 -4.13 10.58
C ILE A 190 -8.58 -3.66 11.60
N LEU A 191 -9.69 -3.10 11.14
CA LEU A 191 -10.72 -2.64 12.04
C LEU A 191 -11.82 -3.67 12.23
N ASN A 192 -11.67 -4.82 11.60
CA ASN A 192 -12.65 -5.90 11.69
C ASN A 192 -14.09 -5.37 11.64
N SER A 193 -14.35 -4.50 10.67
CA SER A 193 -15.67 -3.91 10.48
C SER A 193 -16.11 -4.18 9.05
N PRO A 194 -16.57 -5.40 8.76
CA PRO A 194 -17.01 -5.79 7.41
C PRO A 194 -18.14 -4.91 6.85
N ASP A 195 -18.90 -4.27 7.75
CA ASP A 195 -19.99 -3.42 7.31
C ASP A 195 -19.44 -2.17 6.65
N ARG A 196 -18.65 -1.40 7.38
CA ARG A 196 -18.04 -0.17 6.86
C ARG A 196 -17.20 -0.50 5.64
N ALA A 197 -16.63 -1.71 5.62
CA ALA A 197 -15.80 -2.15 4.51
C ALA A 197 -16.61 -2.37 3.23
N CYS A 198 -17.70 -3.09 3.35
CA CYS A 198 -18.54 -3.37 2.18
C CYS A 198 -19.25 -2.14 1.65
N ASN A 199 -19.65 -1.23 2.54
CA ASN A 199 -20.32 -0.01 2.11
C ASN A 199 -19.35 0.72 1.19
N LEU A 200 -18.20 1.08 1.75
CA LEU A 200 -17.18 1.79 1.01
C LEU A 200 -16.86 1.13 -0.32
N ALA A 201 -16.54 -0.16 -0.31
CA ALA A 201 -16.22 -0.85 -1.56
C ALA A 201 -17.38 -0.72 -2.54
N LYS A 202 -18.58 -1.01 -2.05
CA LYS A 202 -19.79 -0.96 -2.85
C LYS A 202 -19.97 0.43 -3.46
N GLN A 203 -20.06 1.45 -2.62
CA GLN A 203 -20.25 2.80 -3.13
C GLN A 203 -19.27 3.13 -4.23
N ALA A 204 -18.00 2.84 -3.99
CA ALA A 204 -16.94 3.12 -4.97
C ALA A 204 -17.15 2.35 -6.25
N PHE A 205 -17.48 1.07 -6.13
CA PHE A 205 -17.70 0.22 -7.30
C PHE A 205 -18.90 0.75 -8.08
N ASP A 206 -19.94 1.18 -7.34
CA ASP A 206 -21.14 1.69 -7.95
C ASP A 206 -20.89 3.00 -8.68
N GLU A 207 -20.30 3.97 -7.99
CA GLU A 207 -20.02 5.26 -8.60
C GLU A 207 -19.27 5.06 -9.90
N ALA A 208 -18.41 4.05 -9.94
CA ALA A 208 -17.62 3.77 -11.12
C ALA A 208 -18.48 3.20 -12.26
N ILE A 209 -19.44 2.35 -11.91
CA ILE A 209 -20.32 1.77 -12.91
C ILE A 209 -21.19 2.87 -13.49
N ALA A 210 -21.70 3.75 -12.62
CA ALA A 210 -22.54 4.85 -13.06
C ALA A 210 -21.80 5.68 -14.11
N GLU A 211 -20.70 6.29 -13.70
CA GLU A 211 -19.89 7.11 -14.59
C GLU A 211 -19.54 6.37 -15.86
N LEU A 212 -19.27 5.09 -15.73
CA LEU A 212 -18.91 4.26 -16.87
C LEU A 212 -20.12 4.06 -17.78
N ASP A 213 -21.31 4.11 -17.18
CA ASP A 213 -22.57 3.91 -17.87
C ASP A 213 -23.11 5.20 -18.52
N THR A 214 -22.83 6.34 -17.90
CA THR A 214 -23.28 7.62 -18.43
C THR A 214 -22.23 8.26 -19.33
N LEU A 215 -21.10 8.66 -18.73
CA LEU A 215 -20.03 9.31 -19.47
C LEU A 215 -19.05 8.28 -20.04
N TYR A 220 -10.13 1.14 -18.75
CA TYR A 220 -8.67 0.85 -18.77
C TYR A 220 -8.42 -0.51 -18.12
N LYS A 221 -7.46 -1.28 -18.63
CA LYS A 221 -7.16 -2.58 -18.05
C LYS A 221 -6.83 -2.29 -16.59
N ASP A 222 -6.39 -1.05 -16.39
CA ASP A 222 -6.01 -0.48 -15.11
C ASP A 222 -7.17 -0.54 -14.11
N SER A 223 -8.20 0.26 -14.37
CA SER A 223 -9.39 0.35 -13.53
C SER A 223 -10.22 -0.91 -13.53
N THR A 224 -10.25 -1.59 -14.66
CA THR A 224 -11.03 -2.82 -14.78
C THR A 224 -10.54 -3.86 -13.78
N LEU A 225 -9.22 -3.98 -13.66
CA LEU A 225 -8.62 -4.94 -12.74
C LEU A 225 -8.96 -4.59 -11.28
N ILE A 226 -8.75 -3.33 -10.92
CA ILE A 226 -9.05 -2.86 -9.57
C ILE A 226 -10.50 -3.11 -9.20
N MET A 227 -11.38 -2.93 -10.17
CA MET A 227 -12.80 -3.14 -9.91
C MET A 227 -13.11 -4.61 -9.75
N GLN A 228 -12.36 -5.45 -10.43
CA GLN A 228 -12.59 -6.88 -10.29
C GLN A 228 -12.22 -7.26 -8.87
N LEU A 229 -11.13 -6.67 -8.38
CA LEU A 229 -10.67 -6.91 -7.02
C LEU A 229 -11.75 -6.47 -6.03
N LEU A 230 -12.41 -5.35 -6.31
CA LEU A 230 -13.46 -4.87 -5.42
C LEU A 230 -14.62 -5.86 -5.39
N ARG A 231 -14.88 -6.53 -6.51
CA ARG A 231 -15.96 -7.50 -6.54
C ARG A 231 -15.56 -8.74 -5.76
N ASP A 232 -14.38 -9.26 -6.06
CA ASP A 232 -13.89 -10.44 -5.37
C ASP A 232 -14.00 -10.21 -3.87
N ASN A 233 -13.72 -8.99 -3.42
CA ASN A 233 -13.81 -8.68 -2.00
C ASN A 233 -15.24 -8.49 -1.52
N LEU A 234 -16.09 -7.88 -2.34
CA LEU A 234 -17.47 -7.70 -1.94
C LEU A 234 -18.07 -9.09 -1.79
N THR A 235 -17.82 -9.93 -2.80
CA THR A 235 -18.30 -11.31 -2.78
C THR A 235 -17.81 -11.98 -1.52
N LEU A 236 -16.50 -12.24 -1.48
CA LEU A 236 -15.85 -12.88 -0.34
C LEU A 236 -16.31 -12.40 1.04
N TRP A 237 -16.45 -11.09 1.21
CA TRP A 237 -16.88 -10.55 2.51
C TRP A 237 -18.35 -10.73 2.81
N THR A 238 -19.14 -11.08 1.80
CA THR A 238 -20.56 -11.28 2.02
C THR A 238 -20.76 -12.70 2.57
N SER A 239 -19.66 -13.42 2.74
CA SER A 239 -19.67 -14.77 3.28
C SER A 239 -18.99 -14.73 4.67
N ASP A 240 -17.74 -14.83 4.72
#